data_6I8L
#
_entry.id   6I8L
#
_cell.length_a   115.350
_cell.length_b   115.350
_cell.length_c   43.760
_cell.angle_alpha   90.000
_cell.angle_beta   90.000
_cell.angle_gamma   90.000
#
_symmetry.space_group_name_H-M   'P 43 21 2'
#
loop_
_entity.id
_entity.type
_entity.pdbx_description
1 polymer Spindlin-1
2 non-polymer (4S)-2-METHYL-2,4-PENTANEDIOL
3 non-polymer (4R)-2-METHYLPENTANE-2,4-DIOL
4 non-polymer 'DIMETHYL SULFOXIDE'
5 non-polymer "5'-(cyclopropylmethoxy)-6'-[3-(1,3-dihydroisoindol-2-yl)propoxy]spiro[cyclopentane-1,3'-indole]-2'-amine"
6 non-polymer 'CHLORIDE ION'
7 water water
#
_entity_poly.entity_id   1
_entity_poly.type   'polypeptide(L)'
_entity_poly.pdbx_seq_one_letter_code
;MPRRNIVGCRIQHGWKEGNGPVTQWKGTVLDQVPVNPSLYLIKYDGFDCVYGLELNKDERVSALEVLPDRVATSRISDAH
LADTMIGKAVEHMFETEDGSKDEWRGMVLARAPVMNTWFYITYEKDPVLYMYQLLDDYKEGDLRIMPDSNDSPPAEREPG
EVVDSLVGKQVEYAKEDGSKRTGMVIHQVEAKPSVYFIKFDDDFHIYVYDLVKTSAENLYFQ
;
_entity_poly.pdbx_strand_id   B
#
# COMPACT_ATOMS: atom_id res chain seq x y z
N ASN A 5 2.77 9.79 -15.83
CA ASN A 5 2.20 11.11 -16.14
C ASN A 5 2.38 12.03 -14.93
N ILE A 6 1.45 11.93 -13.97
CA ILE A 6 1.62 12.61 -12.69
C ILE A 6 2.40 11.70 -11.75
N VAL A 7 2.87 10.54 -12.24
CA VAL A 7 3.64 9.66 -11.38
C VAL A 7 4.93 10.36 -10.98
N GLY A 8 5.32 10.20 -9.73
CA GLY A 8 6.51 10.85 -9.18
C GLY A 8 6.25 12.29 -8.75
N CYS A 9 5.11 12.83 -9.08
CA CYS A 9 4.74 14.16 -8.68
C CYS A 9 4.18 14.16 -7.27
N ARG A 10 4.28 15.31 -6.65
CA ARG A 10 3.55 15.53 -5.40
C ARG A 10 2.23 16.23 -5.79
N ILE A 11 1.18 15.88 -5.07
CA ILE A 11 -0.14 16.43 -5.34
C ILE A 11 -0.80 16.92 -4.08
N GLN A 12 -1.81 17.74 -4.28
CA GLN A 12 -2.74 18.14 -3.22
C GLN A 12 -4.16 18.08 -3.76
N HIS A 13 -5.10 17.74 -2.90
CA HIS A 13 -6.51 17.74 -3.34
C HIS A 13 -7.43 17.76 -2.13
N GLY A 14 -8.67 18.19 -2.39
CA GLY A 14 -9.75 18.03 -1.44
C GLY A 14 -10.40 16.68 -1.51
N TRP A 15 -11.05 16.28 -0.43
CA TRP A 15 -11.73 15.00 -0.35
C TRP A 15 -13.07 15.25 0.33
N LYS A 16 -14.17 14.72 -0.22
CA LYS A 16 -15.47 14.92 0.39
C LYS A 16 -16.30 13.67 0.17
N GLU A 17 -16.81 13.11 1.23
CA GLU A 17 -17.69 11.94 1.14
C GLU A 17 -19.12 12.38 1.44
N GLY A 18 -20.00 12.19 0.47
CA GLY A 18 -21.39 12.57 0.68
C GLY A 18 -21.54 14.06 0.90
N ASN A 19 -22.33 14.42 1.90
CA ASN A 19 -22.49 15.82 2.28
C ASN A 19 -21.50 16.23 3.40
N GLY A 20 -20.45 15.42 3.65
CA GLY A 20 -19.51 15.69 4.71
C GLY A 20 -18.59 16.84 4.40
N PRO A 21 -17.73 17.17 5.36
CA PRO A 21 -16.81 18.28 5.15
C PRO A 21 -15.68 17.91 4.19
N VAL A 22 -15.15 18.92 3.54
CA VAL A 22 -14.01 18.72 2.67
C VAL A 22 -12.76 18.74 3.52
N THR A 23 -11.92 17.73 3.36
CA THR A 23 -10.61 17.71 3.98
C THR A 23 -9.55 17.85 2.88
N GLN A 24 -8.39 18.40 3.28
CA GLN A 24 -7.25 18.67 2.39
C GLN A 24 -6.16 17.65 2.60
N TRP A 25 -5.62 17.16 1.48
CA TRP A 25 -4.63 16.07 1.51
C TRP A 25 -3.45 16.43 0.62
N LYS A 26 -2.23 16.08 1.05
CA LYS A 26 -1.00 16.26 0.26
C LYS A 26 -0.31 14.91 0.21
N GLY A 27 0.26 14.57 -0.94
CA GLY A 27 0.88 13.26 -1.05
C GLY A 27 1.73 13.15 -2.28
N THR A 28 2.19 11.92 -2.51
CA THR A 28 3.15 11.62 -3.55
C THR A 28 2.59 10.49 -4.40
N VAL A 29 2.57 10.68 -5.73
CA VAL A 29 2.04 9.63 -6.60
C VAL A 29 3.14 8.62 -6.89
N LEU A 30 2.90 7.37 -6.51
CA LEU A 30 3.89 6.31 -6.59
C LEU A 30 3.84 5.48 -7.84
N ASP A 31 2.65 5.33 -8.44
CA ASP A 31 2.47 4.33 -9.48
C ASP A 31 1.17 4.60 -10.22
N GLN A 32 1.19 4.41 -11.54
CA GLN A 32 0.00 4.34 -12.37
C GLN A 32 -0.12 2.86 -12.74
N VAL A 33 -1.15 2.19 -12.26
CA VAL A 33 -1.20 0.72 -12.32
C VAL A 33 -1.34 0.22 -13.76
N PRO A 34 -0.41 -0.60 -14.28
CA PRO A 34 -0.49 -1.01 -15.69
C PRO A 34 -1.80 -1.68 -16.08
N VAL A 35 -2.39 -2.52 -15.23
CA VAL A 35 -3.62 -3.21 -15.62
C VAL A 35 -4.85 -2.34 -15.47
N ASN A 36 -4.73 -1.17 -14.84
CA ASN A 36 -5.80 -0.20 -14.81
C ASN A 36 -5.20 1.16 -14.71
N PRO A 37 -4.92 1.79 -15.84
CA PRO A 37 -4.22 3.10 -15.85
C PRO A 37 -5.00 4.22 -15.27
N SER A 38 -6.28 4.02 -14.92
CA SER A 38 -7.01 5.03 -14.14
C SER A 38 -6.62 5.06 -12.71
N LEU A 39 -6.02 3.98 -12.23
CA LEU A 39 -5.73 3.77 -10.82
C LEU A 39 -4.32 4.24 -10.48
N TYR A 40 -4.25 5.15 -9.52
CA TYR A 40 -2.97 5.64 -9.00
C TYR A 40 -2.81 5.19 -7.57
N LEU A 41 -1.58 4.81 -7.23
CA LEU A 41 -1.19 4.55 -5.85
C LEU A 41 -0.48 5.75 -5.32
N ILE A 42 -0.89 6.16 -4.13
CA ILE A 42 -0.52 7.44 -3.52
C ILE A 42 -0.09 7.22 -2.08
N LYS A 43 1.00 7.91 -1.67
CA LYS A 43 1.42 7.96 -0.29
C LYS A 43 1.13 9.35 0.20
N TYR A 44 0.20 9.48 1.14
CA TYR A 44 -0.10 10.78 1.74
C TYR A 44 0.85 11.10 2.90
N ASP A 45 1.26 12.37 2.97
CA ASP A 45 2.23 12.81 3.98
C ASP A 45 1.71 12.48 5.36
N GLY A 46 2.52 11.74 6.13
CA GLY A 46 2.14 11.39 7.48
C GLY A 46 1.22 10.19 7.67
N PHE A 47 0.72 9.61 6.62
CA PHE A 47 -0.16 8.46 6.67
C PHE A 47 0.55 7.24 6.07
N ASP A 48 0.49 6.12 6.80
CA ASP A 48 1.43 5.06 6.51
C ASP A 48 0.95 4.02 5.50
N CYS A 49 -0.35 3.97 5.21
CA CYS A 49 -0.82 3.05 4.19
C CYS A 49 -0.66 3.63 2.80
N VAL A 50 -0.60 2.71 1.82
CA VAL A 50 -0.64 3.11 0.41
C VAL A 50 -2.09 3.08 -0.07
N TYR A 51 -2.51 4.17 -0.68
CA TYR A 51 -3.91 4.31 -1.12
C TYR A 51 -3.99 4.24 -2.63
N GLY A 52 -5.11 3.68 -3.11
CA GLY A 52 -5.35 3.69 -4.52
C GLY A 52 -6.63 4.43 -4.86
N LEU A 53 -6.50 5.39 -5.78
CA LEU A 53 -7.63 6.18 -6.23
C LEU A 53 -7.67 6.22 -7.72
N GLU A 54 -8.87 6.11 -8.27
CA GLU A 54 -9.08 6.31 -9.69
C GLU A 54 -9.34 7.78 -9.91
N LEU A 55 -8.25 8.55 -9.99
CA LEU A 55 -8.36 10.01 -9.91
C LEU A 55 -9.24 10.58 -11.01
N ASN A 56 -9.25 9.99 -12.21
CA ASN A 56 -10.01 10.62 -13.29
C ASN A 56 -11.51 10.47 -13.18
N LYS A 57 -11.98 9.67 -12.26
CA LYS A 57 -13.40 9.40 -12.13
C LYS A 57 -13.95 9.42 -10.71
N ASP A 58 -13.13 9.63 -9.67
CA ASP A 58 -13.61 9.59 -8.29
C ASP A 58 -14.12 10.97 -7.92
N GLU A 59 -15.45 11.10 -7.83
CA GLU A 59 -16.09 12.39 -7.57
C GLU A 59 -15.79 12.91 -6.19
N ARG A 60 -15.15 12.11 -5.37
CA ARG A 60 -14.82 12.58 -4.03
C ARG A 60 -13.59 13.48 -4.04
N VAL A 61 -12.80 13.43 -5.12
CA VAL A 61 -11.59 14.22 -5.29
C VAL A 61 -11.94 15.57 -5.90
N SER A 62 -11.48 16.65 -5.28
CA SER A 62 -11.68 17.96 -5.83
C SER A 62 -10.37 18.71 -5.88
N ALA A 63 -10.31 19.70 -6.78
CA ALA A 63 -9.21 20.68 -6.78
C ALA A 63 -7.83 20.00 -6.82
N LEU A 64 -7.70 18.99 -7.65
CA LEU A 64 -6.44 18.28 -7.79
C LEU A 64 -5.39 19.16 -8.40
N GLU A 65 -4.27 19.37 -7.67
CA GLU A 65 -3.20 20.23 -8.11
C GLU A 65 -1.87 19.46 -7.97
N VAL A 66 -0.97 19.73 -8.88
CA VAL A 66 0.42 19.28 -8.77
C VAL A 66 1.18 20.31 -7.98
N LEU A 67 1.91 19.86 -6.95
CA LEU A 67 2.76 20.73 -6.19
C LEU A 67 4.16 20.82 -6.76
N PRO A 68 4.82 21.95 -6.63
CA PRO A 68 6.21 22.04 -7.08
C PRO A 68 7.12 21.35 -6.04
N ASP A 69 8.30 20.89 -6.49
CA ASP A 69 9.20 20.17 -5.57
C ASP A 69 9.91 21.11 -4.60
N ARG A 70 10.57 22.15 -5.11
CA ARG A 70 11.31 23.12 -4.30
C ARG A 70 12.51 22.51 -3.57
N VAL A 71 12.83 21.24 -3.79
CA VAL A 71 14.13 20.66 -3.44
C VAL A 71 14.46 19.62 -4.49
N ALA A 72 15.69 19.63 -4.98
CA ALA A 72 16.08 18.71 -6.04
C ALA A 72 16.32 17.32 -5.48
N THR A 73 16.09 16.30 -6.31
CA THR A 73 16.31 14.92 -5.89
C THR A 73 17.79 14.55 -6.02
N LEU A 81 22.99 -0.80 0.63
CA LEU A 81 21.65 -1.19 0.24
C LEU A 81 21.13 -2.34 1.09
N ALA A 82 19.95 -2.09 1.65
CA ALA A 82 19.24 -3.05 2.47
C ALA A 82 18.16 -3.77 1.68
N ASP A 83 18.39 -4.03 0.39
CA ASP A 83 17.47 -4.84 -0.38
C ASP A 83 17.49 -6.29 0.09
N THR A 84 18.46 -6.66 0.93
CA THR A 84 18.41 -7.94 1.62
C THR A 84 17.21 -8.07 2.56
N MET A 85 16.60 -6.95 2.97
CA MET A 85 15.40 -7.05 3.79
C MET A 85 14.19 -7.54 2.99
N ILE A 86 14.23 -7.45 1.67
CA ILE A 86 13.04 -7.75 0.87
C ILE A 86 12.72 -9.23 1.01
N GLY A 87 11.47 -9.55 1.28
CA GLY A 87 11.07 -10.94 1.47
C GLY A 87 11.16 -11.45 2.90
N LYS A 88 11.74 -10.67 3.81
CA LYS A 88 12.01 -11.14 5.16
C LYS A 88 10.77 -10.97 6.03
N ALA A 89 10.56 -11.96 6.90
CA ALA A 89 9.67 -11.79 8.02
C ALA A 89 10.33 -10.85 9.01
N VAL A 90 9.53 -9.93 9.56
CA VAL A 90 10.05 -8.94 10.52
C VAL A 90 9.09 -8.75 11.67
N GLU A 91 9.65 -8.24 12.76
CA GLU A 91 8.90 -7.71 13.86
C GLU A 91 9.17 -6.21 13.91
N HIS A 92 8.12 -5.43 13.78
CA HIS A 92 8.23 -3.96 13.63
C HIS A 92 7.66 -3.25 14.86
N MET A 93 8.52 -2.61 15.62
CA MET A 93 8.10 -1.99 16.87
C MET A 93 7.62 -0.55 16.64
N PHE A 94 6.72 -0.08 17.50
CA PHE A 94 6.19 1.27 17.40
C PHE A 94 5.69 1.76 18.76
N GLU A 95 5.42 3.07 18.88
CA GLU A 95 5.03 3.61 20.17
C GLU A 95 3.52 3.67 20.43
N THR A 96 3.12 3.49 21.70
CA THR A 96 1.72 3.56 22.10
C THR A 96 1.47 4.73 23.05
N GLU A 97 0.18 5.05 23.25
CA GLU A 97 -0.18 6.19 24.08
C GLU A 97 0.53 6.11 25.43
N ASP A 98 0.52 4.93 26.05
CA ASP A 98 1.07 4.73 27.38
C ASP A 98 2.58 4.92 27.46
N GLY A 99 3.26 5.24 26.35
CA GLY A 99 4.69 5.33 26.34
C GLY A 99 5.39 4.04 26.00
N SER A 100 4.74 2.90 26.19
CA SER A 100 5.31 1.61 25.89
C SER A 100 5.27 1.30 24.38
N LYS A 101 6.26 0.54 23.93
CA LYS A 101 6.25 0.07 22.56
C LYS A 101 5.40 -1.19 22.47
N ASP A 102 4.79 -1.32 21.33
CA ASP A 102 4.19 -2.56 20.89
C ASP A 102 4.94 -3.01 19.63
N GLU A 103 4.47 -4.10 19.03
CA GLU A 103 5.05 -4.57 17.77
C GLU A 103 3.99 -5.29 16.97
N TRP A 104 4.15 -5.21 15.66
CA TRP A 104 3.43 -6.04 14.70
C TRP A 104 4.44 -6.86 13.93
N ARG A 105 4.09 -8.11 13.67
CA ARG A 105 4.88 -8.96 12.79
C ARG A 105 4.34 -8.93 11.37
N GLY A 106 5.27 -8.88 10.43
CA GLY A 106 4.90 -8.81 9.03
C GLY A 106 6.01 -9.24 8.10
N MET A 107 5.87 -8.82 6.81
CA MET A 107 6.74 -9.29 5.73
C MET A 107 7.09 -8.05 4.92
N VAL A 108 8.38 -7.85 4.65
CA VAL A 108 8.81 -6.79 3.77
C VAL A 108 8.57 -7.29 2.35
N LEU A 109 7.81 -6.50 1.58
CA LEU A 109 7.37 -6.99 0.25
C LEU A 109 8.29 -6.54 -0.88
N ALA A 110 8.74 -5.30 -0.84
CA ALA A 110 9.47 -4.70 -1.98
C ALA A 110 9.97 -3.32 -1.57
N ARG A 111 10.96 -2.81 -2.33
CA ARG A 111 11.26 -1.39 -2.31
C ARG A 111 10.13 -0.61 -2.94
N ALA A 112 9.74 0.51 -2.32
CA ALA A 112 8.73 1.37 -2.94
C ALA A 112 9.26 2.07 -4.17
N PRO A 113 8.39 2.33 -5.15
CA PRO A 113 8.75 3.15 -6.28
C PRO A 113 8.72 4.60 -5.85
N VAL A 114 9.43 5.38 -6.62
CA VAL A 114 9.46 6.85 -6.54
C VAL A 114 10.14 7.37 -5.26
N MET A 115 9.65 6.94 -4.11
CA MET A 115 10.27 7.31 -2.84
C MET A 115 11.29 6.21 -2.53
N ASN A 116 12.50 6.44 -3.05
CA ASN A 116 13.67 5.55 -2.96
C ASN A 116 13.82 4.78 -1.65
N THR A 117 14.07 5.48 -0.56
CA THR A 117 14.46 4.88 0.72
C THR A 117 13.31 4.21 1.48
N TRP A 118 12.16 3.97 0.85
CA TRP A 118 11.01 3.46 1.51
C TRP A 118 10.70 2.06 0.99
N PHE A 119 10.04 1.29 1.84
CA PHE A 119 9.71 -0.11 1.57
C PHE A 119 8.24 -0.37 1.74
N TYR A 120 7.70 -1.21 0.86
CA TYR A 120 6.37 -1.79 1.02
C TYR A 120 6.43 -2.94 2.02
N ILE A 121 5.48 -2.96 2.94
CA ILE A 121 5.41 -3.96 3.98
C ILE A 121 3.94 -4.18 4.34
N THR A 122 3.62 -5.39 4.77
CA THR A 122 2.28 -5.64 5.28
C THR A 122 2.40 -6.50 6.55
N TYR A 123 1.26 -6.64 7.23
CA TYR A 123 1.27 -7.22 8.58
C TYR A 123 0.11 -8.16 8.78
N GLU A 124 0.32 -9.20 9.60
CA GLU A 124 -0.76 -10.15 9.84
C GLU A 124 -1.95 -9.45 10.50
N LYS A 125 -1.66 -8.48 11.42
CA LYS A 125 -2.74 -7.81 12.10
C LYS A 125 -3.49 -6.80 11.21
N ASP A 126 -2.91 -6.44 10.06
CA ASP A 126 -3.63 -5.52 9.15
C ASP A 126 -3.05 -5.70 7.74
N PRO A 127 -3.56 -6.65 7.02
CA PRO A 127 -2.92 -7.10 5.77
C PRO A 127 -3.30 -6.24 4.57
N VAL A 128 -3.01 -4.95 4.72
CA VAL A 128 -3.07 -3.97 3.63
C VAL A 128 -1.67 -3.44 3.41
N LEU A 129 -1.50 -2.68 2.35
CA LEU A 129 -0.19 -2.21 1.97
C LEU A 129 0.19 -0.98 2.78
N TYR A 130 1.37 -1.08 3.42
CA TYR A 130 2.00 0.00 4.16
C TYR A 130 3.35 0.36 3.53
N MET A 131 3.85 1.55 3.88
CA MET A 131 5.11 2.03 3.37
C MET A 131 5.82 2.75 4.50
N TYR A 132 7.03 2.29 4.79
CA TYR A 132 7.84 2.84 5.88
C TYR A 132 9.30 2.95 5.47
N GLN A 133 10.05 3.80 6.21
CA GLN A 133 11.49 3.99 6.01
C GLN A 133 12.15 2.95 6.90
N LEU A 134 12.14 1.70 6.43
CA LEU A 134 12.52 0.59 7.28
C LEU A 134 13.98 0.62 7.67
N LEU A 135 14.87 1.14 6.84
CA LEU A 135 16.26 1.13 7.25
C LEU A 135 16.51 2.09 8.42
N ASP A 136 15.82 3.24 8.41
CA ASP A 136 15.84 4.14 9.58
C ASP A 136 15.29 3.44 10.82
N ASP A 137 14.16 2.77 10.71
CA ASP A 137 13.60 2.10 11.87
C ASP A 137 14.55 1.00 12.33
N TYR A 138 15.22 0.32 11.40
CA TYR A 138 16.18 -0.71 11.79
C TYR A 138 17.32 -0.11 12.59
N LYS A 139 17.88 0.99 12.11
CA LYS A 139 19.02 1.63 12.78
C LYS A 139 18.65 2.10 14.16
N GLU A 140 17.39 2.47 14.35
CA GLU A 140 16.86 2.88 15.64
C GLU A 140 16.56 1.73 16.59
N GLY A 141 16.71 0.49 16.17
CA GLY A 141 16.38 -0.65 17.01
C GLY A 141 14.94 -1.07 17.00
N ASP A 142 14.17 -0.63 16.04
CA ASP A 142 12.74 -0.93 15.99
C ASP A 142 12.34 -1.93 14.90
N LEU A 143 13.30 -2.65 14.33
CA LEU A 143 12.97 -3.61 13.28
C LEU A 143 13.84 -4.83 13.47
N ARG A 144 13.19 -5.93 13.88
CA ARG A 144 13.86 -7.21 14.05
C ARG A 144 13.64 -8.04 12.78
N ILE A 145 14.72 -8.47 12.14
CA ILE A 145 14.66 -9.31 10.96
C ILE A 145 14.68 -10.76 11.43
N MET A 146 13.74 -11.52 11.01
CA MET A 146 13.70 -12.91 11.47
C MET A 146 14.57 -13.82 10.59
N PRO A 147 15.15 -14.86 11.17
CA PRO A 147 15.94 -15.81 10.35
C PRO A 147 15.08 -16.46 9.27
N ASP A 148 15.67 -16.64 8.09
CA ASP A 148 14.90 -17.09 6.92
C ASP A 148 14.85 -18.62 6.80
N SER A 149 13.77 -19.13 6.21
CA SER A 149 13.62 -20.57 6.01
N SER A 165 -0.41 -15.30 -15.67
CA SER A 165 -0.34 -14.53 -14.41
C SER A 165 -1.71 -14.16 -13.91
N LEU A 166 -1.89 -14.05 -12.57
CA LEU A 166 -3.18 -13.56 -12.12
C LEU A 166 -3.30 -12.03 -12.17
N VAL A 167 -2.21 -11.30 -12.33
CA VAL A 167 -2.32 -9.84 -12.45
C VAL A 167 -3.23 -9.47 -13.62
N GLY A 168 -4.15 -8.53 -13.32
CA GLY A 168 -5.20 -8.13 -14.26
C GLY A 168 -6.48 -8.89 -14.16
N LYS A 169 -6.53 -10.03 -13.45
CA LYS A 169 -7.77 -10.80 -13.35
C LYS A 169 -8.75 -10.12 -12.38
N GLN A 170 -10.01 -10.38 -12.57
CA GLN A 170 -11.06 -9.98 -11.66
C GLN A 170 -11.06 -10.90 -10.48
N VAL A 171 -11.41 -10.34 -9.30
CA VAL A 171 -11.52 -11.13 -8.08
C VAL A 171 -12.87 -10.84 -7.44
N GLU A 172 -13.45 -11.88 -6.82
CA GLU A 172 -14.62 -11.73 -6.00
C GLU A 172 -14.37 -12.47 -4.70
N TYR A 173 -14.94 -11.89 -3.65
N TYR A 173 -14.77 -11.92 -3.59
CA TYR A 173 -14.97 -12.37 -2.28
CA TYR A 173 -14.92 -12.82 -2.49
C TYR A 173 -16.44 -12.58 -1.91
C TYR A 173 -16.30 -12.65 -1.94
N ALA A 174 -16.79 -13.79 -1.50
CA ALA A 174 -18.15 -14.06 -1.09
C ALA A 174 -17.94 -15.17 -0.08
N LYS A 175 -18.75 -15.17 0.98
CA LYS A 175 -18.64 -16.07 2.12
C LYS A 175 -20.03 -16.55 2.61
N SER A 179 -21.59 -11.53 2.00
CA SER A 179 -20.43 -10.68 1.71
C SER A 179 -19.86 -10.94 0.30
N LYS A 180 -20.10 -10.00 -0.65
CA LYS A 180 -19.94 -10.15 -2.12
C LYS A 180 -19.21 -8.97 -2.80
N ARG A 181 -17.89 -9.01 -2.73
CA ARG A 181 -17.00 -7.89 -2.94
C ARG A 181 -16.18 -8.13 -4.20
N THR A 182 -16.11 -7.14 -5.07
CA THR A 182 -15.42 -7.29 -6.36
C THR A 182 -14.20 -6.40 -6.44
N GLY A 183 -13.21 -6.87 -7.18
CA GLY A 183 -12.02 -6.07 -7.42
C GLY A 183 -11.12 -6.69 -8.47
N MET A 184 -9.86 -6.26 -8.45
CA MET A 184 -8.90 -6.63 -9.48
C MET A 184 -7.57 -6.92 -8.80
N VAL A 185 -6.91 -7.95 -9.32
CA VAL A 185 -5.50 -8.22 -8.98
C VAL A 185 -4.61 -7.24 -9.72
N ILE A 186 -3.88 -6.39 -8.96
CA ILE A 186 -3.06 -5.34 -9.56
C ILE A 186 -1.53 -5.56 -9.55
N HIS A 187 -1.01 -6.48 -8.74
N HIS A 187 -1.02 -6.48 -8.75
CA HIS A 187 0.42 -6.70 -8.67
CA HIS A 187 0.42 -6.69 -8.73
C HIS A 187 0.69 -8.08 -8.08
C HIS A 187 0.71 -8.03 -8.07
N GLN A 188 1.81 -8.63 -8.48
CA GLN A 188 2.35 -9.85 -7.92
C GLN A 188 3.68 -9.50 -7.27
N VAL A 189 3.91 -10.00 -6.06
CA VAL A 189 5.16 -9.68 -5.35
C VAL A 189 6.28 -10.59 -5.88
N GLU A 190 7.28 -9.98 -6.51
CA GLU A 190 8.37 -10.71 -7.10
C GLU A 190 9.05 -11.61 -6.09
N ALA A 191 9.22 -11.12 -4.85
CA ALA A 191 9.97 -11.91 -3.88
C ALA A 191 9.19 -13.11 -3.33
N LYS A 192 7.86 -13.13 -3.46
CA LYS A 192 7.03 -14.22 -2.95
C LYS A 192 5.84 -14.33 -3.89
N PRO A 193 5.99 -15.08 -4.98
CA PRO A 193 5.02 -14.99 -6.08
C PRO A 193 3.63 -15.49 -5.75
N SER A 194 3.39 -16.16 -4.61
CA SER A 194 2.00 -16.47 -4.26
C SER A 194 1.30 -15.29 -3.60
N VAL A 195 2.01 -14.16 -3.43
CA VAL A 195 1.47 -12.98 -2.78
C VAL A 195 1.12 -11.93 -3.82
N TYR A 196 -0.05 -11.36 -3.67
CA TYR A 196 -0.62 -10.44 -4.64
C TYR A 196 -1.21 -9.26 -3.94
N PHE A 197 -1.33 -8.15 -4.70
CA PHE A 197 -2.02 -6.95 -4.25
C PHE A 197 -3.35 -6.89 -4.98
N ILE A 198 -4.41 -6.59 -4.24
CA ILE A 198 -5.75 -6.48 -4.80
C ILE A 198 -6.33 -5.12 -4.48
N LYS A 199 -7.00 -4.53 -5.48
CA LYS A 199 -7.78 -3.31 -5.29
C LYS A 199 -9.24 -3.70 -5.40
N PHE A 200 -9.99 -3.58 -4.32
CA PHE A 200 -11.42 -3.77 -4.36
C PHE A 200 -12.10 -2.49 -4.79
N ASP A 201 -13.22 -2.63 -5.53
CA ASP A 201 -13.97 -1.48 -6.02
C ASP A 201 -14.54 -0.60 -4.94
N ASP A 202 -14.72 -1.10 -3.73
CA ASP A 202 -15.45 -0.38 -2.71
C ASP A 202 -14.52 0.24 -1.68
N ASP A 203 -13.22 0.21 -1.89
CA ASP A 203 -12.34 0.78 -0.87
C ASP A 203 -11.05 1.28 -1.50
N PHE A 204 -10.38 2.15 -0.77
CA PHE A 204 -9.15 2.74 -1.30
C PHE A 204 -7.84 2.15 -0.69
N HIS A 205 -7.90 1.17 0.21
CA HIS A 205 -6.69 0.48 0.59
C HIS A 205 -6.26 -0.50 -0.49
N ILE A 206 -5.02 -0.94 -0.41
CA ILE A 206 -4.51 -2.01 -1.25
C ILE A 206 -4.38 -3.24 -0.35
N TYR A 207 -5.09 -4.29 -0.69
CA TYR A 207 -5.15 -5.48 0.14
C TYR A 207 -4.09 -6.47 -0.32
N VAL A 208 -3.43 -7.11 0.63
CA VAL A 208 -2.35 -8.04 0.32
C VAL A 208 -2.78 -9.44 0.75
N TYR A 209 -2.59 -10.42 -0.15
CA TYR A 209 -2.95 -11.81 0.19
C TYR A 209 -1.88 -12.78 -0.28
N ASP A 210 -1.61 -13.78 0.54
CA ASP A 210 -0.84 -14.97 0.15
C ASP A 210 -1.89 -16.03 -0.22
N LEU A 211 -1.95 -16.39 -1.49
CA LEU A 211 -3.06 -17.18 -1.96
C LEU A 211 -3.04 -18.60 -1.47
N VAL A 212 -1.99 -19.05 -0.76
CA VAL A 212 -2.04 -20.39 -0.16
C VAL A 212 -2.61 -20.41 1.25
N LYS A 213 -2.88 -19.25 1.86
CA LYS A 213 -3.26 -19.14 3.25
C LYS A 213 -4.76 -19.01 3.43
N THR A 214 -5.16 -19.20 4.67
CA THR A 214 -6.57 -19.12 5.05
C THR A 214 -7.17 -17.76 4.72
N SER A 215 -6.40 -16.69 4.87
CA SER A 215 -6.90 -15.36 4.59
C SER A 215 -7.37 -15.20 3.17
N ALA A 216 -6.86 -16.01 2.27
CA ALA A 216 -7.23 -15.94 0.87
C ALA A 216 -8.28 -16.94 0.46
N GLU A 217 -8.80 -17.77 1.36
CA GLU A 217 -9.55 -18.98 0.92
C GLU A 217 -10.92 -18.64 0.35
N ASN A 218 -11.40 -17.41 0.51
CA ASN A 218 -12.67 -17.05 -0.09
C ASN A 218 -12.52 -16.18 -1.30
N LEU A 219 -11.31 -16.04 -1.83
CA LEU A 219 -11.08 -15.29 -3.05
C LEU A 219 -11.15 -16.18 -4.27
N TYR A 220 -11.87 -15.71 -5.29
CA TYR A 220 -12.06 -16.48 -6.54
C TYR A 220 -11.81 -15.49 -7.67
N PHE A 221 -11.34 -16.05 -8.79
CA PHE A 221 -10.74 -15.25 -9.88
C PHE A 221 -11.37 -15.57 -11.22
N GLN A 222 -11.32 -14.57 -12.13
CA GLN A 222 -11.81 -14.74 -13.46
C GLN A 222 -10.98 -13.99 -14.55
#